data_6E18
#
_entry.id   6E18
#
_cell.length_a   125.620
_cell.length_b   125.620
_cell.length_c   367.880
_cell.angle_alpha   90.000
_cell.angle_beta   90.000
_cell.angle_gamma   120.000
#
_symmetry.space_group_name_H-M   'P 63 2 2'
#
loop_
_entity.id
_entity.type
_entity.pdbx_description
1 polymer 'Hapless 2'
2 branched 2-acetamido-2-deoxy-beta-D-glucopyranose-(1-4)-2-acetamido-2-deoxy-beta-D-glucopyranose
3 branched alpha-D-mannopyranose-(1-4)-2-acetamido-2-deoxy-beta-D-glucopyranose-(1-4)-[alpha-L-fucopyranose-(1-6)]2-acetamido-2-deoxy-beta-D-glucopyranose
4 non-polymer 2-acetamido-2-deoxy-beta-D-glucopyranose
5 non-polymer GLYCEROL
6 water water
#
_entity_poly.entity_id   1
_entity_poly.type   'polypeptide(L)'
_entity_poly.pdbx_seq_one_letter_code
;RSEVIASGRLEKCVVDGVTEELDCQEKVVVTLTVGNGQSLQTEALEFSLSCLNSPDGRCPCSCSAADPTCACRDLAAPLR
VSLTKSPLWASYPLQYLSSFNWKPLEVILRPSNKVCKDGDWEDSPTCGWFSQGGVRVADSQGFCCECSSSQVWDDTFGSS
KERTRANLDCDFWSDPLDILIGRKPVSAHCLTFDPQWYSGYELGAASLQFEIAITVEVPTAPSPTTATTSATPRTNNSSS
ANSTNSTNSPAPQFLSPPAPSTREVLHLGPSVPLASSASRLLSAKLLGDLAMYTQLPAISNQVLMVPQPPAAAAATGSPL
DATLATNRSAWMLLDKTMLSMDGLACDKVGTGFSAFRYQPSGCGRAPQACLSGQLKDLWEADLARIADGRVPLYMITRFT
GGSDTTLQSFSGGPLSFALPVTSHSQSLVTLSVAADGVRLVTNRSPGKITGAAVCRFAGTSCGGFEAVAARGYIYVNITN
TGRLDSDYTLTVSNCSSNVRPIEARTLAVRAGSAASLDPPMELYVEDQAAAAARTCTVSLYDSVGAVTDSLTLSFYTNAT
QLVVKPSGGYNGGPFEDDDDK
;
_entity_poly.pdbx_strand_id   A
#
loop_
_chem_comp.id
_chem_comp.type
_chem_comp.name
_chem_comp.formula
FUC L-saccharide, alpha linking alpha-L-fucopyranose 'C6 H12 O5'
GOL non-polymer GLYCEROL 'C3 H8 O3'
MAN D-saccharide, alpha linking alpha-D-mannopyranose 'C6 H12 O6'
NAG D-saccharide, beta linking 2-acetamido-2-deoxy-beta-D-glucopyranose 'C8 H15 N O6'
#
# COMPACT_ATOMS: atom_id res chain seq x y z
N GLU A 3 16.68 -5.39 -19.91
CA GLU A 3 17.82 -4.87 -20.65
C GLU A 3 19.13 -5.56 -20.23
N VAL A 4 20.07 -5.75 -21.18
CA VAL A 4 21.39 -6.36 -20.93
C VAL A 4 22.43 -5.24 -20.71
N ILE A 5 23.01 -5.20 -19.51
CA ILE A 5 24.03 -4.22 -19.08
C ILE A 5 25.39 -4.62 -19.67
N ALA A 6 25.87 -5.82 -19.32
CA ALA A 6 27.13 -6.40 -19.75
C ALA A 6 26.90 -7.78 -20.32
N SER A 7 27.81 -8.20 -21.21
CA SER A 7 27.84 -9.51 -21.84
C SER A 7 29.25 -9.71 -22.36
N GLY A 8 29.93 -10.73 -21.84
CA GLY A 8 31.31 -11.04 -22.21
C GLY A 8 31.85 -12.29 -21.55
N ARG A 9 33.14 -12.59 -21.80
CA ARG A 9 33.80 -13.79 -21.28
C ARG A 9 34.76 -13.47 -20.16
N LEU A 10 34.78 -14.34 -19.13
CA LEU A 10 35.64 -14.20 -17.97
C LEU A 10 36.16 -15.57 -17.49
N GLU A 11 37.48 -15.69 -17.28
CA GLU A 11 38.08 -16.91 -16.76
C GLU A 11 37.87 -16.89 -15.25
N LYS A 12 37.01 -17.77 -14.75
CA LYS A 12 36.71 -17.83 -13.33
C LYS A 12 37.37 -19.07 -12.75
N CYS A 13 38.25 -18.83 -11.77
CA CYS A 13 39.01 -19.85 -11.04
C CYS A 13 38.52 -19.99 -9.63
N VAL A 14 38.50 -21.23 -9.12
CA VAL A 14 38.08 -21.56 -7.77
C VAL A 14 39.18 -22.38 -7.07
N VAL A 15 39.66 -21.89 -5.91
CA VAL A 15 40.69 -22.57 -5.11
C VAL A 15 39.95 -23.34 -4.03
N ASP A 16 40.01 -24.68 -4.08
CA ASP A 16 39.29 -25.51 -3.10
C ASP A 16 39.84 -25.34 -1.70
N GLY A 17 38.93 -25.15 -0.75
CA GLY A 17 39.26 -24.93 0.65
C GLY A 17 39.99 -26.05 1.35
N VAL A 18 39.69 -27.32 0.99
CA VAL A 18 40.31 -28.48 1.64
C VAL A 18 41.47 -29.09 0.85
N THR A 19 41.42 -29.08 -0.50
CA THR A 19 42.46 -29.67 -1.35
C THR A 19 43.42 -28.65 -1.95
N GLU A 20 43.17 -27.34 -1.73
CA GLU A 20 43.97 -26.20 -2.23
C GLU A 20 44.15 -26.19 -3.78
N GLU A 21 43.44 -27.10 -4.51
CA GLU A 21 43.60 -27.16 -5.97
C GLU A 21 42.72 -26.14 -6.67
N LEU A 22 43.31 -25.55 -7.73
CA LEU A 22 42.76 -24.51 -8.57
C LEU A 22 42.03 -25.10 -9.77
N ASP A 23 40.76 -24.74 -9.95
CA ASP A 23 39.92 -25.17 -11.06
C ASP A 23 39.51 -23.93 -11.81
N CYS A 24 40.02 -23.78 -13.03
CA CYS A 24 39.75 -22.64 -13.90
C CYS A 24 38.84 -23.06 -15.05
N GLN A 25 37.94 -22.18 -15.46
CA GLN A 25 37.01 -22.38 -16.56
C GLN A 25 36.51 -21.03 -17.02
N GLU A 26 36.54 -20.79 -18.35
CA GLU A 26 36.07 -19.54 -18.95
C GLU A 26 34.54 -19.60 -19.03
N LYS A 27 33.87 -18.57 -18.54
CA LYS A 27 32.40 -18.48 -18.49
C LYS A 27 31.92 -17.25 -19.23
N VAL A 28 30.68 -17.29 -19.74
CA VAL A 28 29.99 -16.14 -20.33
C VAL A 28 29.28 -15.50 -19.15
N VAL A 29 29.58 -14.23 -18.86
CA VAL A 29 29.01 -13.47 -17.76
C VAL A 29 28.08 -12.40 -18.30
N VAL A 30 26.79 -12.54 -17.99
CA VAL A 30 25.77 -11.57 -18.41
C VAL A 30 25.15 -10.90 -17.19
N THR A 31 25.10 -9.56 -17.18
CA THR A 31 24.42 -8.79 -16.15
C THR A 31 23.24 -8.11 -16.82
N LEU A 32 22.06 -8.31 -16.26
CA LEU A 32 20.85 -7.74 -16.84
C LEU A 32 19.92 -7.23 -15.75
N THR A 33 18.90 -6.44 -16.15
CA THR A 33 17.88 -5.90 -15.25
C THR A 33 16.58 -6.68 -15.41
N VAL A 34 15.95 -7.02 -14.29
CA VAL A 34 14.65 -7.69 -14.24
C VAL A 34 13.69 -6.61 -13.67
N GLY A 35 12.94 -6.00 -14.57
CA GLY A 35 12.01 -4.92 -14.26
C GLY A 35 10.83 -5.33 -13.39
N ASN A 36 10.15 -4.30 -12.84
CA ASN A 36 9.02 -4.43 -11.94
C ASN A 36 7.80 -5.19 -12.55
N GLY A 37 7.37 -4.79 -13.74
CA GLY A 37 6.21 -5.46 -14.36
C GLY A 37 6.58 -6.51 -15.39
N GLN A 38 7.68 -7.25 -15.16
CA GLN A 38 8.20 -8.31 -16.04
C GLN A 38 7.56 -9.64 -15.66
N SER A 39 6.26 -9.79 -15.95
CA SER A 39 5.48 -10.97 -15.59
C SER A 39 5.52 -12.10 -16.61
N LEU A 40 5.90 -11.84 -17.87
CA LEU A 40 5.93 -12.85 -18.93
C LEU A 40 7.30 -13.12 -19.48
N GLN A 41 7.51 -14.33 -20.02
CA GLN A 41 8.76 -14.74 -20.66
C GLN A 41 8.75 -14.18 -22.10
N THR A 42 8.96 -12.86 -22.23
CA THR A 42 8.90 -12.14 -23.51
C THR A 42 10.25 -12.04 -24.23
N GLU A 43 11.36 -12.34 -23.53
CA GLU A 43 12.70 -12.34 -24.11
C GLU A 43 13.56 -13.42 -23.48
N ALA A 44 14.48 -14.00 -24.26
CA ALA A 44 15.35 -15.07 -23.79
C ALA A 44 16.79 -14.86 -24.20
N LEU A 45 17.71 -15.38 -23.39
CA LEU A 45 19.14 -15.37 -23.66
C LEU A 45 19.50 -16.75 -24.16
N GLU A 46 20.09 -16.83 -25.35
CA GLU A 46 20.47 -18.11 -25.92
C GLU A 46 21.98 -18.29 -25.78
N PHE A 47 22.41 -19.15 -24.86
CA PHE A 47 23.84 -19.42 -24.65
C PHE A 47 24.24 -20.58 -25.55
N SER A 48 25.25 -20.38 -26.42
CA SER A 48 25.64 -21.44 -27.33
C SER A 48 26.57 -22.46 -26.69
N LEU A 49 26.15 -23.73 -26.72
CA LEU A 49 26.92 -24.86 -26.18
C LEU A 49 27.52 -25.66 -27.34
N SER A 50 28.83 -25.99 -27.25
CA SER A 50 29.56 -26.75 -28.28
C SER A 50 29.39 -28.26 -28.12
N CYS A 51 28.90 -28.69 -26.94
CA CYS A 51 28.59 -30.07 -26.63
C CYS A 51 27.42 -30.17 -25.64
N LEU A 52 26.62 -31.22 -25.81
CA LEU A 52 25.42 -31.47 -25.03
C LEU A 52 25.58 -32.60 -24.04
N ASN A 53 24.87 -32.51 -22.91
CA ASN A 53 24.85 -33.51 -21.84
C ASN A 53 26.23 -33.69 -21.17
N SER A 54 27.01 -32.59 -21.12
CA SER A 54 28.31 -32.56 -20.47
C SER A 54 28.12 -32.60 -18.94
N PRO A 55 28.75 -33.55 -18.22
CA PRO A 55 28.56 -33.59 -16.76
C PRO A 55 29.22 -32.42 -16.03
N ASP A 56 30.51 -32.17 -16.35
CA ASP A 56 31.36 -31.12 -15.79
C ASP A 56 31.15 -29.72 -16.40
N GLY A 57 30.31 -29.62 -17.43
CA GLY A 57 30.05 -28.36 -18.13
C GLY A 57 31.11 -28.05 -19.17
N ARG A 58 32.21 -28.82 -19.18
CA ARG A 58 33.33 -28.65 -20.10
C ARG A 58 33.15 -29.36 -21.43
N CYS A 59 33.42 -28.63 -22.51
CA CYS A 59 33.38 -29.11 -23.89
C CYS A 59 34.78 -28.98 -24.48
N PRO A 60 35.24 -29.88 -25.40
CA PRO A 60 34.51 -31.02 -25.98
C PRO A 60 34.38 -32.22 -25.06
N CYS A 61 33.69 -33.29 -25.54
CA CYS A 61 33.46 -34.52 -24.80
C CYS A 61 34.74 -35.29 -24.51
N SER A 62 34.91 -35.66 -23.25
CA SER A 62 36.03 -36.44 -22.72
C SER A 62 35.76 -37.95 -22.82
N CYS A 63 34.54 -38.35 -23.23
CA CYS A 63 34.15 -39.76 -23.39
C CYS A 63 33.60 -40.06 -24.79
N SER A 64 33.61 -41.35 -25.19
CA SER A 64 33.18 -41.85 -26.50
C SER A 64 31.66 -42.00 -26.61
N ALA A 65 31.09 -41.58 -27.76
CA ALA A 65 29.65 -41.68 -28.05
C ALA A 65 29.21 -43.13 -28.18
N ALA A 66 30.16 -44.03 -28.48
CA ALA A 66 30.00 -45.47 -28.62
C ALA A 66 29.71 -46.13 -27.26
N ASP A 67 30.08 -45.44 -26.16
CA ASP A 67 29.91 -45.87 -24.78
C ASP A 67 28.48 -45.57 -24.30
N PRO A 68 27.74 -46.62 -23.85
CA PRO A 68 26.36 -46.41 -23.39
C PRO A 68 26.24 -45.56 -22.14
N THR A 69 27.32 -45.48 -21.33
CA THR A 69 27.35 -44.70 -20.08
C THR A 69 27.94 -43.31 -20.29
N CYS A 70 28.04 -42.88 -21.56
CA CYS A 70 28.54 -41.57 -21.95
C CYS A 70 27.40 -40.86 -22.67
N ALA A 71 26.79 -39.89 -21.99
CA ALA A 71 25.64 -39.11 -22.48
C ALA A 71 26.07 -37.93 -23.33
N CYS A 72 27.32 -37.47 -23.15
CA CYS A 72 27.92 -36.34 -23.85
C CYS A 72 27.94 -36.53 -25.35
N ARG A 73 27.47 -35.52 -26.08
CA ARG A 73 27.52 -35.52 -27.54
C ARG A 73 28.12 -34.20 -28.00
N ASP A 74 29.13 -34.25 -28.88
CA ASP A 74 29.77 -33.06 -29.45
C ASP A 74 28.84 -32.50 -30.52
N LEU A 75 27.77 -31.83 -30.05
CA LEU A 75 26.73 -31.26 -30.89
C LEU A 75 26.33 -29.90 -30.35
N ALA A 76 25.90 -29.00 -31.24
CA ALA A 76 25.51 -27.64 -30.87
C ALA A 76 24.02 -27.48 -30.68
N ALA A 77 23.66 -26.73 -29.63
CA ALA A 77 22.29 -26.36 -29.28
C ALA A 77 22.31 -25.22 -28.27
N PRO A 78 21.29 -24.35 -28.25
CA PRO A 78 21.32 -23.24 -27.29
C PRO A 78 20.68 -23.57 -25.95
N LEU A 79 21.23 -22.95 -24.88
CA LEU A 79 20.70 -23.00 -23.55
C LEU A 79 19.87 -21.71 -23.46
N ARG A 80 18.54 -21.85 -23.49
CA ARG A 80 17.60 -20.74 -23.46
C ARG A 80 17.27 -20.36 -22.03
N VAL A 81 17.46 -19.08 -21.69
CA VAL A 81 17.25 -18.55 -20.35
C VAL A 81 16.37 -17.31 -20.37
N SER A 82 15.18 -17.41 -19.77
CA SER A 82 14.22 -16.30 -19.65
C SER A 82 14.02 -16.00 -18.18
N LEU A 83 13.67 -14.74 -17.88
CA LEU A 83 13.52 -14.26 -16.51
C LEU A 83 12.24 -13.46 -16.33
N THR A 84 11.52 -13.72 -15.21
CA THR A 84 10.32 -12.95 -14.83
C THR A 84 10.44 -12.52 -13.35
N LYS A 85 9.62 -11.54 -12.93
CA LYS A 85 9.56 -11.05 -11.54
C LYS A 85 8.11 -11.06 -11.10
N SER A 86 7.86 -11.59 -9.89
CA SER A 86 6.53 -11.62 -9.30
C SER A 86 6.12 -10.18 -8.86
N PRO A 87 4.81 -9.87 -8.58
CA PRO A 87 4.45 -8.50 -8.14
C PRO A 87 5.30 -8.04 -6.93
N LEU A 88 5.80 -6.80 -7.01
CA LEU A 88 6.64 -6.21 -5.97
C LEU A 88 5.78 -5.57 -4.89
N TRP A 89 6.08 -5.90 -3.61
CA TRP A 89 5.37 -5.37 -2.45
C TRP A 89 6.32 -4.78 -1.44
N ALA A 90 5.89 -3.70 -0.78
CA ALA A 90 6.62 -3.08 0.32
C ALA A 90 5.86 -3.54 1.58
N SER A 91 6.41 -4.53 2.32
CA SER A 91 5.75 -5.06 3.52
C SER A 91 6.33 -4.47 4.78
N TYR A 92 5.44 -3.95 5.65
CA TYR A 92 5.76 -3.28 6.92
C TYR A 92 5.50 -4.16 8.14
N PRO A 93 6.52 -4.44 9.00
CA PRO A 93 6.28 -5.29 10.18
C PRO A 93 5.45 -4.60 11.23
N LEU A 94 4.48 -5.33 11.81
CA LEU A 94 3.56 -4.86 12.85
C LEU A 94 4.15 -5.13 14.23
N GLN A 95 3.97 -4.18 15.16
CA GLN A 95 4.34 -4.30 16.58
C GLN A 95 3.18 -3.75 17.40
N TYR A 96 2.45 -4.63 18.12
CA TYR A 96 1.28 -4.24 18.91
C TYR A 96 1.61 -3.23 20.00
N LEU A 97 0.84 -2.12 20.04
CA LEU A 97 0.99 -1.08 21.05
C LEU A 97 -0.15 -1.16 22.08
N SER A 98 -1.39 -0.85 21.67
CA SER A 98 -2.54 -0.81 22.57
C SER A 98 -3.84 -1.05 21.81
N SER A 99 -4.98 -1.07 22.53
CA SER A 99 -6.32 -1.24 21.98
C SER A 99 -7.11 0.04 22.14
N PHE A 100 -7.87 0.41 21.09
CA PHE A 100 -8.65 1.65 21.00
C PHE A 100 -10.12 1.37 20.71
N ASN A 101 -11.04 2.08 21.36
CA ASN A 101 -12.45 1.87 21.09
C ASN A 101 -12.90 2.56 19.78
N TRP A 102 -13.91 2.00 19.10
CA TRP A 102 -14.44 2.56 17.86
C TRP A 102 -14.98 3.96 18.09
N LYS A 103 -15.86 4.10 19.09
CA LYS A 103 -16.46 5.37 19.44
C LYS A 103 -16.91 5.42 20.91
N PRO A 104 -16.05 5.87 21.87
CA PRO A 104 -16.51 6.07 23.24
C PRO A 104 -17.69 7.04 23.22
N LEU A 105 -18.77 6.70 23.95
CA LEU A 105 -20.01 7.45 24.00
C LEU A 105 -20.36 7.90 25.41
N GLU A 106 -20.80 9.17 25.56
CA GLU A 106 -21.21 9.71 26.84
C GLU A 106 -22.68 9.42 27.07
N VAL A 107 -23.00 8.86 28.24
CA VAL A 107 -24.37 8.60 28.63
C VAL A 107 -24.69 9.59 29.71
N ILE A 108 -25.76 10.38 29.49
CA ILE A 108 -26.20 11.40 30.42
C ILE A 108 -27.40 10.89 31.21
N LEU A 109 -27.26 10.93 32.54
CA LEU A 109 -28.33 10.51 33.44
C LEU A 109 -28.86 11.74 34.14
N ARG A 110 -30.20 11.85 34.25
CA ARG A 110 -30.85 12.95 34.97
C ARG A 110 -31.66 12.29 36.09
N PRO A 111 -31.01 11.92 37.23
CA PRO A 111 -31.74 11.20 38.29
C PRO A 111 -32.96 11.96 38.85
N SER A 112 -34.07 11.22 39.00
CA SER A 112 -35.34 11.72 39.52
C SER A 112 -35.17 12.19 40.98
N ASN A 113 -34.47 11.38 41.80
CA ASN A 113 -34.19 11.65 43.22
C ASN A 113 -33.17 12.79 43.48
N LYS A 114 -32.68 13.47 42.41
CA LYS A 114 -31.71 14.59 42.45
C LYS A 114 -30.40 14.23 43.18
N VAL A 115 -30.05 12.93 43.19
CA VAL A 115 -28.84 12.41 43.84
C VAL A 115 -27.78 12.10 42.79
N CYS A 116 -26.58 12.68 42.95
CA CYS A 116 -25.45 12.44 42.05
C CYS A 116 -24.18 12.34 42.88
N LYS A 117 -23.49 11.19 42.76
CA LYS A 117 -22.26 10.93 43.49
C LYS A 117 -21.11 10.70 42.50
N ASP A 118 -20.07 11.57 42.51
CA ASP A 118 -18.91 11.47 41.61
C ASP A 118 -17.56 11.49 42.34
N GLY A 119 -17.59 11.32 43.67
CA GLY A 119 -16.41 11.33 44.53
C GLY A 119 -15.35 10.30 44.18
N ASP A 120 -14.09 10.65 44.42
CA ASP A 120 -12.96 9.76 44.12
C ASP A 120 -12.91 8.54 45.02
N TRP A 121 -13.42 8.68 46.26
CA TRP A 121 -13.44 7.63 47.27
C TRP A 121 -14.84 7.02 47.45
N GLU A 122 -15.79 7.42 46.58
CA GLU A 122 -17.17 6.97 46.53
C GLU A 122 -17.25 5.48 46.18
N ASP A 123 -17.86 4.66 47.05
CA ASP A 123 -18.00 3.23 46.80
C ASP A 123 -19.13 2.92 45.84
N SER A 124 -20.20 3.74 45.89
CA SER A 124 -21.36 3.57 45.01
C SER A 124 -21.68 4.82 44.18
N PRO A 125 -20.88 5.14 43.12
CA PRO A 125 -21.18 6.33 42.31
C PRO A 125 -22.30 6.09 41.30
N THR A 126 -22.92 7.18 40.83
CA THR A 126 -24.04 7.23 39.89
C THR A 126 -23.77 6.45 38.61
N CYS A 127 -22.55 6.60 38.05
CA CYS A 127 -22.11 5.95 36.81
C CYS A 127 -21.50 4.58 37.07
N GLY A 128 -21.14 4.31 38.31
CA GLY A 128 -20.46 3.08 38.68
C GLY A 128 -19.01 3.12 38.27
N TRP A 129 -18.24 2.14 38.74
CA TRP A 129 -16.82 2.06 38.43
C TRP A 129 -16.50 1.05 37.34
N PHE A 130 -15.39 1.29 36.63
CA PHE A 130 -14.84 0.35 35.66
C PHE A 130 -13.71 -0.37 36.39
N SER A 131 -13.42 -1.61 35.99
CA SER A 131 -12.34 -2.40 36.58
C SER A 131 -11.42 -3.03 35.53
N GLN A 132 -10.18 -3.35 35.94
CA GLN A 132 -9.16 -3.98 35.12
C GLN A 132 -8.41 -5.02 35.96
N GLY A 133 -8.83 -6.27 35.80
CA GLY A 133 -8.30 -7.41 36.53
C GLY A 133 -8.65 -7.38 37.99
N GLY A 134 -9.86 -6.87 38.29
CA GLY A 134 -10.38 -6.76 39.65
C GLY A 134 -10.04 -5.46 40.35
N VAL A 135 -9.09 -4.68 39.78
CA VAL A 135 -8.67 -3.40 40.35
C VAL A 135 -9.52 -2.29 39.75
N ARG A 136 -10.02 -1.37 40.57
CA ARG A 136 -10.84 -0.24 40.16
C ARG A 136 -10.01 0.74 39.32
N VAL A 137 -10.51 1.11 38.12
CA VAL A 137 -9.84 2.05 37.20
C VAL A 137 -10.06 3.50 37.69
N ALA A 138 -8.96 4.21 37.95
CA ALA A 138 -8.98 5.58 38.44
C ALA A 138 -9.69 6.53 37.47
N ASP A 139 -10.57 7.40 38.01
CA ASP A 139 -11.35 8.43 37.32
C ASP A 139 -12.44 7.87 36.35
N SER A 140 -12.74 6.55 36.42
CA SER A 140 -13.74 5.93 35.56
C SER A 140 -15.21 6.12 36.01
N GLN A 141 -15.44 6.85 37.14
CA GLN A 141 -16.78 7.11 37.71
C GLN A 141 -17.54 8.30 37.06
N GLY A 142 -16.91 8.95 36.08
CA GLY A 142 -17.50 10.09 35.38
C GLY A 142 -17.52 11.35 36.21
N PHE A 143 -18.47 12.23 35.92
CA PHE A 143 -18.62 13.49 36.65
C PHE A 143 -20.06 13.91 36.79
N CYS A 144 -20.35 14.77 37.79
CA CYS A 144 -21.68 15.30 38.08
C CYS A 144 -21.78 16.79 37.78
N CYS A 145 -22.97 17.25 37.42
CA CYS A 145 -23.27 18.65 37.12
C CYS A 145 -24.55 19.04 37.80
N GLU A 146 -24.65 20.30 38.24
CA GLU A 146 -25.87 20.81 38.86
C GLU A 146 -26.16 22.25 38.43
N CYS A 147 -27.42 22.70 38.63
CA CYS A 147 -27.85 24.06 38.32
C CYS A 147 -27.12 25.07 39.19
N SER A 148 -26.48 26.05 38.55
CA SER A 148 -25.82 27.17 39.18
C SER A 148 -26.92 28.02 39.85
N SER A 149 -26.62 28.67 40.99
CA SER A 149 -27.59 29.54 41.67
C SER A 149 -27.99 30.68 40.73
N SER A 150 -27.02 31.18 39.93
CA SER A 150 -27.29 32.22 38.93
C SER A 150 -28.21 31.67 37.81
N GLN A 151 -27.99 30.41 37.37
CA GLN A 151 -28.79 29.73 36.34
C GLN A 151 -30.23 29.51 36.76
N VAL A 152 -30.47 29.17 38.06
CA VAL A 152 -31.82 29.00 38.63
C VAL A 152 -32.54 30.36 38.59
N TRP A 153 -31.83 31.44 38.95
CA TRP A 153 -32.35 32.80 38.94
C TRP A 153 -32.76 33.25 37.52
N ASP A 154 -31.87 33.09 36.54
CA ASP A 154 -32.12 33.48 35.14
C ASP A 154 -33.21 32.65 34.50
N ASP A 155 -33.25 31.33 34.75
CA ASP A 155 -34.27 30.43 34.21
C ASP A 155 -35.66 30.65 34.81
N THR A 156 -35.73 31.16 36.06
CA THR A 156 -36.99 31.44 36.76
C THR A 156 -37.62 32.73 36.22
N PHE A 157 -36.83 33.81 36.15
CA PHE A 157 -37.26 35.15 35.76
C PHE A 157 -37.03 35.48 34.27
N GLY A 158 -36.74 34.45 33.48
CA GLY A 158 -36.52 34.54 32.04
C GLY A 158 -35.95 33.25 31.51
N SER A 159 -34.79 33.34 30.86
CA SER A 159 -34.08 32.17 30.32
C SER A 159 -32.58 32.35 30.45
N SER A 160 -31.89 31.32 30.99
CA SER A 160 -30.44 31.33 31.16
C SER A 160 -29.80 31.24 29.79
N LYS A 161 -28.82 32.13 29.58
CA LYS A 161 -28.06 32.20 28.34
C LYS A 161 -26.85 31.27 28.40
N GLU A 162 -26.50 30.76 29.61
CA GLU A 162 -25.38 29.83 29.85
C GLU A 162 -25.82 28.39 29.49
N ARG A 163 -24.95 27.65 28.77
CA ARG A 163 -25.21 26.27 28.37
C ARG A 163 -24.98 25.32 29.53
N THR A 164 -25.85 24.32 29.63
CA THR A 164 -25.76 23.24 30.60
C THR A 164 -25.59 21.95 29.76
N ARG A 165 -24.60 21.08 30.12
CA ARG A 165 -24.26 19.86 29.38
C ARG A 165 -25.44 18.89 29.17
N ALA A 166 -26.26 18.68 30.21
CA ALA A 166 -27.41 17.79 30.16
C ALA A 166 -28.72 18.49 29.74
N ASN A 167 -28.67 19.80 29.37
CA ASN A 167 -29.85 20.61 29.01
C ASN A 167 -30.87 20.56 30.14
N LEU A 168 -30.43 20.99 31.33
CA LEU A 168 -31.26 20.99 32.52
C LEU A 168 -32.19 22.18 32.49
N ASP A 169 -33.41 22.00 33.02
CA ASP A 169 -34.38 23.08 33.18
C ASP A 169 -34.15 23.54 34.61
N CYS A 170 -33.51 24.71 34.76
CA CYS A 170 -33.15 25.29 36.07
C CYS A 170 -34.25 26.18 36.65
N ASP A 171 -35.38 26.36 35.92
CA ASP A 171 -36.53 27.18 36.35
C ASP A 171 -37.08 26.62 37.66
N PHE A 172 -37.37 27.52 38.62
CA PHE A 172 -37.90 27.16 39.94
C PHE A 172 -39.22 26.43 39.81
N TRP A 173 -40.08 26.88 38.88
CA TRP A 173 -41.41 26.33 38.66
C TRP A 173 -41.42 24.97 37.95
N SER A 174 -40.26 24.48 37.44
CA SER A 174 -40.16 23.17 36.78
C SER A 174 -40.43 22.04 37.78
N ASP A 175 -39.96 22.22 39.03
CA ASP A 175 -40.18 21.37 40.21
C ASP A 175 -39.83 22.22 41.46
N PRO A 176 -40.79 23.03 41.94
CA PRO A 176 -40.49 23.96 43.04
C PRO A 176 -40.24 23.35 44.41
N LEU A 177 -40.88 22.20 44.71
CA LEU A 177 -40.74 21.55 46.01
C LEU A 177 -39.30 21.15 46.33
N ASP A 178 -38.63 20.45 45.40
CA ASP A 178 -37.24 20.01 45.56
C ASP A 178 -36.25 21.15 45.56
N ILE A 179 -36.38 22.11 44.61
CA ILE A 179 -35.48 23.27 44.49
C ILE A 179 -35.48 24.08 45.81
N LEU A 180 -36.67 24.35 46.39
CA LEU A 180 -36.85 25.08 47.65
C LEU A 180 -36.00 24.51 48.80
N ILE A 181 -35.94 23.16 48.91
CA ILE A 181 -35.24 22.47 49.99
C ILE A 181 -33.75 22.17 49.61
N GLY A 182 -33.26 22.81 48.54
CA GLY A 182 -31.88 22.70 48.07
C GLY A 182 -31.58 21.65 47.01
N ARG A 183 -32.52 20.69 46.80
CA ARG A 183 -32.37 19.60 45.82
C ARG A 183 -32.58 20.12 44.38
N LYS A 184 -31.57 20.86 43.87
CA LYS A 184 -31.54 21.46 42.54
C LYS A 184 -31.41 20.37 41.46
N PRO A 185 -31.83 20.62 40.18
CA PRO A 185 -31.64 19.60 39.14
C PRO A 185 -30.16 19.23 38.98
N VAL A 186 -29.90 17.92 38.87
CA VAL A 186 -28.55 17.38 38.76
C VAL A 186 -28.44 16.44 37.55
N SER A 187 -27.20 16.18 37.09
CA SER A 187 -26.92 15.28 35.98
C SER A 187 -25.63 14.51 36.16
N ALA A 188 -25.59 13.29 35.64
CA ALA A 188 -24.44 12.39 35.69
C ALA A 188 -23.95 12.21 34.28
N HIS A 189 -22.63 12.18 34.11
CA HIS A 189 -22.00 12.05 32.80
C HIS A 189 -21.03 10.88 32.81
N CYS A 190 -21.49 9.76 32.26
CA CYS A 190 -20.80 8.47 32.24
C CYS A 190 -20.15 8.21 30.90
N LEU A 191 -18.89 7.70 30.91
CA LEU A 191 -18.18 7.34 29.69
C LEU A 191 -18.43 5.85 29.42
N THR A 192 -19.01 5.54 28.25
CA THR A 192 -19.32 4.18 27.81
C THR A 192 -18.54 3.91 26.52
N PHE A 193 -18.41 2.63 26.15
CA PHE A 193 -17.64 2.26 24.98
C PHE A 193 -18.45 1.48 23.99
N ASP A 194 -18.19 1.72 22.70
CA ASP A 194 -18.85 1.02 21.60
C ASP A 194 -18.49 -0.48 21.70
N PRO A 195 -19.39 -1.44 21.34
CA PRO A 195 -19.01 -2.87 21.37
C PRO A 195 -17.80 -3.22 20.51
N GLN A 196 -17.50 -2.41 19.46
CA GLN A 196 -16.35 -2.62 18.56
C GLN A 196 -15.08 -1.94 19.06
N TRP A 197 -14.00 -2.74 19.16
CA TRP A 197 -12.66 -2.30 19.57
C TRP A 197 -11.69 -2.56 18.44
N TYR A 198 -10.58 -1.84 18.44
CA TYR A 198 -9.55 -1.93 17.42
C TYR A 198 -8.19 -2.09 18.07
N SER A 199 -7.34 -2.94 17.50
CA SER A 199 -5.98 -3.15 17.98
C SER A 199 -5.07 -2.24 17.17
N GLY A 200 -4.19 -1.54 17.87
CA GLY A 200 -3.25 -0.61 17.26
C GLY A 200 -1.87 -1.20 17.19
N TYR A 201 -1.31 -1.27 15.96
CA TYR A 201 0.03 -1.83 15.69
C TYR A 201 0.91 -0.75 15.07
N GLU A 202 2.08 -0.51 15.65
CA GLU A 202 3.03 0.43 15.06
C GLU A 202 3.66 -0.25 13.84
N LEU A 203 3.79 0.47 12.72
CA LEU A 203 4.42 -0.10 11.53
C LEU A 203 5.92 0.18 11.56
N GLY A 204 6.70 -0.82 11.21
CA GLY A 204 8.14 -0.71 11.08
C GLY A 204 8.58 -0.19 9.72
N ALA A 205 9.84 -0.52 9.33
CA ALA A 205 10.40 -0.07 8.07
C ALA A 205 10.02 -0.99 6.95
N ALA A 206 9.78 -0.42 5.75
CA ALA A 206 9.40 -1.18 4.56
C ALA A 206 10.48 -2.16 4.17
N SER A 207 10.08 -3.27 3.55
CA SER A 207 10.97 -4.27 3.00
C SER A 207 10.36 -4.65 1.69
N LEU A 208 11.17 -4.62 0.63
CA LEU A 208 10.74 -5.00 -0.71
C LEU A 208 10.68 -6.51 -0.74
N GLN A 209 9.57 -7.02 -1.23
CA GLN A 209 9.31 -8.45 -1.30
C GLN A 209 8.84 -8.83 -2.68
N PHE A 210 9.57 -9.76 -3.30
CA PHE A 210 9.36 -10.25 -4.65
C PHE A 210 10.15 -11.53 -4.82
N GLU A 211 9.95 -12.18 -5.96
CA GLU A 211 10.67 -13.37 -6.35
C GLU A 211 10.88 -13.34 -7.87
N ILE A 212 12.13 -13.57 -8.28
CA ILE A 212 12.55 -13.63 -9.67
C ILE A 212 12.61 -15.09 -10.05
N ALA A 213 11.95 -15.47 -11.15
CA ALA A 213 11.98 -16.85 -11.64
C ALA A 213 12.75 -16.89 -12.94
N ILE A 214 13.83 -17.69 -12.95
CA ILE A 214 14.69 -17.90 -14.11
C ILE A 214 14.38 -19.27 -14.68
N THR A 215 13.82 -19.33 -15.89
CA THR A 215 13.50 -20.60 -16.57
C THR A 215 14.67 -20.99 -17.48
N VAL A 216 15.29 -22.14 -17.19
CA VAL A 216 16.46 -22.65 -17.91
C VAL A 216 16.08 -23.87 -18.73
N GLU A 217 16.16 -23.77 -20.07
CA GLU A 217 15.90 -24.87 -20.99
C GLU A 217 17.24 -25.40 -21.43
N VAL A 218 17.65 -26.54 -20.85
CA VAL A 218 18.93 -27.21 -21.09
C VAL A 218 18.76 -28.19 -22.20
N PRO A 219 19.43 -27.97 -23.36
CA PRO A 219 19.27 -28.92 -24.47
C PRO A 219 19.93 -30.29 -24.29
N THR A 220 19.22 -31.33 -24.71
CA THR A 220 19.66 -32.73 -24.66
C THR A 220 20.05 -33.26 -26.04
N ALA A 221 19.58 -32.60 -27.12
CA ALA A 221 19.82 -32.95 -28.52
C ALA A 221 19.70 -31.68 -29.40
N PRO A 222 20.29 -31.62 -30.62
CA PRO A 222 20.13 -30.39 -31.44
C PRO A 222 18.75 -30.24 -32.06
N SER A 223 18.46 -29.00 -32.56
CA SER A 223 17.21 -28.62 -33.25
C SER A 223 16.96 -29.51 -34.49
N PRO A 224 15.74 -30.06 -34.67
CA PRO A 224 15.50 -30.93 -35.83
C PRO A 224 15.48 -30.20 -37.17
N ALA A 251 16.00 -12.52 -48.27
CA ALA A 251 15.30 -13.71 -47.79
C ALA A 251 14.90 -13.57 -46.29
N PRO A 252 13.64 -13.89 -45.89
CA PRO A 252 13.24 -13.74 -44.48
C PRO A 252 13.54 -14.95 -43.58
N GLN A 253 14.33 -14.72 -42.51
CA GLN A 253 14.71 -15.75 -41.54
C GLN A 253 13.68 -15.90 -40.42
N PHE A 254 13.51 -17.12 -39.90
CA PHE A 254 12.58 -17.44 -38.82
C PHE A 254 13.28 -18.15 -37.67
N LEU A 255 12.64 -18.22 -36.49
CA LEU A 255 13.21 -18.88 -35.33
C LEU A 255 13.25 -20.39 -35.54
N SER A 256 14.40 -21.01 -35.20
CA SER A 256 14.67 -22.43 -35.32
C SER A 256 13.70 -23.27 -34.45
N PRO A 257 13.23 -24.46 -34.91
CA PRO A 257 12.34 -25.28 -34.06
C PRO A 257 13.03 -25.64 -32.73
N PRO A 258 12.32 -25.60 -31.59
CA PRO A 258 13.00 -25.85 -30.30
C PRO A 258 13.73 -27.19 -30.21
N ALA A 259 14.93 -27.16 -29.58
CA ALA A 259 15.78 -28.32 -29.37
C ALA A 259 15.22 -29.19 -28.22
N PRO A 260 15.23 -30.55 -28.32
CA PRO A 260 14.76 -31.37 -27.20
C PRO A 260 15.50 -30.92 -25.94
N SER A 261 14.77 -30.34 -25.00
CA SER A 261 15.38 -29.78 -23.78
C SER A 261 14.66 -30.15 -22.47
N THR A 262 15.33 -29.91 -21.33
CA THR A 262 14.81 -30.16 -19.99
C THR A 262 14.70 -28.84 -19.26
N ARG A 263 13.46 -28.44 -18.95
CA ARG A 263 13.09 -27.21 -18.24
C ARG A 263 13.48 -27.28 -16.77
N GLU A 264 13.85 -26.12 -16.20
CA GLU A 264 14.25 -25.97 -14.80
C GLU A 264 14.01 -24.54 -14.36
N VAL A 265 13.24 -24.34 -13.31
CA VAL A 265 12.97 -22.99 -12.82
C VAL A 265 13.78 -22.74 -11.53
N LEU A 266 14.58 -21.66 -11.52
CA LEU A 266 15.36 -21.24 -10.37
C LEU A 266 14.74 -19.97 -9.81
N HIS A 267 14.83 -19.75 -8.49
CA HIS A 267 14.24 -18.57 -7.84
C HIS A 267 15.23 -17.74 -7.06
N LEU A 268 15.19 -16.40 -7.27
CA LEU A 268 16.01 -15.40 -6.57
C LEU A 268 15.08 -14.39 -5.88
N GLY A 269 15.57 -13.80 -4.80
CA GLY A 269 14.84 -12.79 -4.02
C GLY A 269 15.68 -12.30 -2.85
N PRO A 270 15.25 -11.27 -2.09
CA PRO A 270 16.06 -10.80 -0.96
C PRO A 270 16.45 -11.87 0.07
N SER A 271 15.60 -12.89 0.28
CA SER A 271 15.83 -13.98 1.22
C SER A 271 16.89 -14.94 0.70
N VAL A 272 16.78 -15.37 -0.59
CA VAL A 272 17.70 -16.27 -1.28
C VAL A 272 18.22 -15.56 -2.55
N PRO A 273 19.28 -14.72 -2.45
CA PRO A 273 19.76 -14.02 -3.65
C PRO A 273 20.76 -14.82 -4.52
N LEU A 274 20.88 -16.14 -4.30
CA LEU A 274 21.78 -17.09 -4.95
C LEU A 274 20.97 -18.25 -5.55
N ALA A 275 21.48 -18.90 -6.62
CA ALA A 275 20.88 -20.06 -7.29
C ALA A 275 21.79 -20.58 -8.40
N SER A 276 21.79 -21.91 -8.57
CA SER A 276 22.55 -22.61 -9.60
C SER A 276 21.69 -23.71 -10.20
N SER A 277 22.00 -24.10 -11.45
CA SER A 277 21.35 -25.20 -12.17
C SER A 277 21.79 -26.52 -11.56
N ALA A 278 21.01 -27.60 -11.78
CA ALA A 278 21.35 -28.96 -11.32
C ALA A 278 22.62 -29.43 -12.04
N SER A 279 22.79 -29.00 -13.31
CA SER A 279 23.93 -29.27 -14.19
C SER A 279 25.11 -28.34 -13.83
N ARG A 280 24.80 -27.26 -13.10
CA ARG A 280 25.68 -26.16 -12.71
C ARG A 280 26.36 -25.59 -13.98
N LEU A 281 25.57 -25.52 -15.06
CA LEU A 281 25.91 -24.93 -16.33
C LEU A 281 25.67 -23.44 -16.12
N LEU A 282 24.58 -23.10 -15.39
CA LEU A 282 24.15 -21.75 -15.08
C LEU A 282 24.18 -21.50 -13.60
N SER A 283 24.68 -20.32 -13.24
CA SER A 283 24.76 -19.85 -11.88
C SER A 283 24.27 -18.40 -11.87
N ALA A 284 23.23 -18.12 -11.08
CA ALA A 284 22.64 -16.78 -10.99
C ALA A 284 22.92 -16.11 -9.66
N LYS A 285 22.94 -14.77 -9.67
CA LYS A 285 23.12 -13.97 -8.45
C LYS A 285 22.31 -12.70 -8.52
N LEU A 286 21.51 -12.46 -7.48
CA LEU A 286 20.73 -11.23 -7.35
C LEU A 286 21.61 -10.19 -6.65
N LEU A 287 22.03 -9.16 -7.40
CA LEU A 287 22.92 -8.12 -6.88
C LEU A 287 22.18 -7.12 -6.02
N GLY A 288 20.96 -6.81 -6.41
CA GLY A 288 20.13 -5.85 -5.72
C GLY A 288 19.41 -4.96 -6.71
N ASP A 289 18.52 -4.13 -6.22
CA ASP A 289 17.74 -3.24 -7.07
C ASP A 289 18.34 -1.86 -7.07
N LEU A 290 18.11 -1.13 -8.16
CA LEU A 290 18.49 0.26 -8.25
C LEU A 290 17.46 1.02 -7.38
N ALA A 291 17.73 2.28 -7.03
CA ALA A 291 16.80 3.09 -6.25
C ALA A 291 15.58 3.44 -7.08
N MET A 292 14.43 3.59 -6.41
CA MET A 292 13.13 3.95 -6.98
C MET A 292 13.11 5.46 -7.19
N TYR A 293 12.58 5.94 -8.33
CA TYR A 293 12.52 7.38 -8.59
C TYR A 293 11.55 8.12 -7.69
N THR A 294 10.45 7.45 -7.28
CA THR A 294 9.40 7.98 -6.41
C THR A 294 9.43 7.18 -5.11
N GLN A 295 9.85 7.82 -3.99
CA GLN A 295 9.95 7.17 -2.67
C GLN A 295 8.62 6.57 -2.22
N LEU A 296 8.72 5.54 -1.35
CA LEU A 296 7.56 4.85 -0.79
C LEU A 296 6.83 5.79 0.20
N PRO A 297 5.49 5.66 0.39
CA PRO A 297 4.80 6.56 1.34
C PRO A 297 5.40 6.48 2.73
N ALA A 298 5.61 7.65 3.39
CA ALA A 298 6.20 7.76 4.73
C ALA A 298 5.21 7.31 5.81
N ILE A 299 5.00 5.98 5.92
CA ILE A 299 4.03 5.41 6.84
C ILE A 299 4.64 4.62 7.99
N SER A 300 5.97 4.61 8.11
CA SER A 300 6.62 3.98 9.26
C SER A 300 6.34 4.90 10.44
N ASN A 301 6.23 4.32 11.66
CA ASN A 301 5.87 5.04 12.91
C ASN A 301 4.35 5.33 13.04
N GLN A 302 3.57 5.03 12.00
CA GLN A 302 2.12 5.23 12.04
C GLN A 302 1.53 3.99 12.69
N VAL A 303 0.32 4.16 13.21
CA VAL A 303 -0.38 3.12 13.94
C VAL A 303 -1.53 2.54 13.09
N LEU A 304 -1.38 1.27 12.71
CA LEU A 304 -2.34 0.52 11.93
C LEU A 304 -3.44 0.07 12.88
N MET A 305 -4.69 0.48 12.62
CA MET A 305 -5.87 0.14 13.41
C MET A 305 -6.62 -1.02 12.76
N VAL A 306 -6.52 -2.21 13.36
CA VAL A 306 -7.16 -3.43 12.86
C VAL A 306 -8.34 -3.79 13.77
N PRO A 307 -9.55 -4.07 13.22
CA PRO A 307 -10.68 -4.45 14.08
C PRO A 307 -10.44 -5.73 14.89
N GLN A 308 -10.78 -5.70 16.19
CA GLN A 308 -10.66 -6.87 17.06
C GLN A 308 -11.75 -7.89 16.69
N PRO A 309 -11.37 -9.17 16.51
CA PRO A 309 -12.35 -10.20 16.12
C PRO A 309 -13.45 -10.46 17.17
N PRO A 310 -14.68 -10.85 16.73
CA PRO A 310 -15.74 -11.15 17.71
C PRO A 310 -15.57 -12.52 18.38
N ALA A 325 -9.42 -15.78 4.38
CA ALA A 325 -8.76 -14.62 3.78
C ALA A 325 -8.84 -13.39 4.69
N THR A 326 -7.87 -12.46 4.54
CA THR A 326 -7.74 -11.23 5.33
C THR A 326 -8.62 -10.07 4.80
N ASN A 327 -9.49 -9.49 5.67
CA ASN A 327 -10.39 -8.38 5.32
C ASN A 327 -9.79 -7.04 5.81
N ARG A 328 -8.96 -6.40 4.98
CA ARG A 328 -8.30 -5.13 5.30
C ARG A 328 -9.17 -3.90 4.96
N SER A 329 -10.46 -4.11 4.62
CA SER A 329 -11.39 -3.05 4.24
C SER A 329 -11.61 -2.01 5.34
N ALA A 330 -11.90 -2.46 6.57
CA ALA A 330 -12.14 -1.60 7.73
C ALA A 330 -10.86 -1.02 8.36
N TRP A 331 -9.67 -1.47 7.94
CA TRP A 331 -8.37 -1.03 8.48
C TRP A 331 -8.09 0.45 8.26
N MET A 332 -7.35 1.06 9.18
CA MET A 332 -6.96 2.48 9.13
C MET A 332 -5.50 2.60 9.54
N LEU A 333 -4.81 3.65 9.07
CA LEU A 333 -3.41 3.87 9.40
C LEU A 333 -3.32 5.29 9.88
N LEU A 334 -2.99 5.49 11.16
CA LEU A 334 -3.03 6.82 11.76
C LEU A 334 -1.69 7.34 12.24
N ASP A 335 -1.45 8.66 12.01
CA ASP A 335 -0.29 9.38 12.50
C ASP A 335 -0.44 9.46 14.03
N LYS A 336 0.70 9.40 14.75
CA LYS A 336 0.71 9.44 16.21
C LYS A 336 0.07 10.70 16.82
N THR A 337 0.01 11.82 16.07
CA THR A 337 -0.61 13.07 16.56
C THR A 337 -2.13 12.93 16.75
N MET A 338 -2.76 11.97 16.06
CA MET A 338 -4.19 11.68 16.09
C MET A 338 -4.62 10.88 17.32
N LEU A 339 -3.65 10.45 18.14
CA LEU A 339 -3.83 9.53 19.26
C LEU A 339 -3.46 10.09 20.63
N SER A 340 -4.05 9.50 21.69
CA SER A 340 -3.69 9.77 23.09
C SER A 340 -3.42 8.42 23.71
N MET A 341 -2.15 7.99 23.69
CA MET A 341 -1.71 6.68 24.17
C MET A 341 -2.06 6.42 25.63
N ASP A 342 -1.80 7.42 26.51
CA ASP A 342 -2.06 7.34 27.95
C ASP A 342 -3.52 7.68 28.34
N GLY A 343 -4.32 8.06 27.34
CA GLY A 343 -5.73 8.40 27.51
C GLY A 343 -6.05 9.69 28.23
N LEU A 344 -5.01 10.48 28.57
CA LEU A 344 -5.13 11.72 29.34
C LEU A 344 -5.53 12.97 28.53
N ALA A 345 -5.49 12.90 27.19
CA ALA A 345 -5.84 14.04 26.35
C ALA A 345 -7.19 13.89 25.68
N CYS A 346 -7.95 14.98 25.62
CA CYS A 346 -9.26 15.00 24.97
C CYS A 346 -9.12 14.99 23.44
N ASP A 347 -10.27 14.72 22.78
CA ASP A 347 -10.53 14.70 21.34
C ASP A 347 -9.46 14.04 20.54
N LYS A 348 -9.06 12.83 20.97
CA LYS A 348 -8.03 12.00 20.34
C LYS A 348 -8.43 10.50 20.39
N VAL A 349 -7.82 9.67 19.52
CA VAL A 349 -8.04 8.21 19.48
C VAL A 349 -7.29 7.64 20.69
N GLY A 350 -8.05 7.25 21.70
CA GLY A 350 -7.45 6.76 22.93
C GLY A 350 -7.81 7.59 24.14
N THR A 351 -8.60 8.69 23.94
CA THR A 351 -9.13 9.55 25.00
C THR A 351 -9.85 8.64 25.99
N GLY A 352 -9.43 8.75 27.25
CA GLY A 352 -9.93 7.92 28.33
C GLY A 352 -10.63 8.66 29.43
N PHE A 353 -10.73 7.99 30.60
CA PHE A 353 -11.46 8.42 31.77
C PHE A 353 -11.00 9.73 32.41
N SER A 354 -9.67 9.96 32.58
CA SER A 354 -9.19 11.19 33.23
C SER A 354 -9.48 12.41 32.37
N ALA A 355 -9.22 12.30 31.06
CA ALA A 355 -9.45 13.35 30.05
C ALA A 355 -10.89 13.80 30.08
N PHE A 356 -11.81 12.82 30.13
CA PHE A 356 -13.25 13.04 30.16
C PHE A 356 -13.74 13.61 31.49
N ARG A 357 -13.23 13.09 32.62
CA ARG A 357 -13.65 13.52 33.96
C ARG A 357 -13.27 14.97 34.27
N TYR A 358 -11.98 15.29 34.09
CA TYR A 358 -11.45 16.61 34.43
C TYR A 358 -11.31 17.58 33.24
N GLN A 359 -12.35 17.73 32.42
CA GLN A 359 -12.27 18.67 31.30
C GLN A 359 -12.68 20.10 31.70
N PRO A 360 -11.87 21.14 31.34
CA PRO A 360 -12.21 22.52 31.74
C PRO A 360 -13.62 22.96 31.32
N SER A 361 -14.41 23.39 32.32
CA SER A 361 -15.81 23.84 32.22
C SER A 361 -16.67 22.76 31.56
N GLY A 362 -16.36 21.50 31.86
CA GLY A 362 -17.05 20.32 31.35
C GLY A 362 -18.57 20.40 31.39
N CYS A 363 -19.13 20.89 32.49
CA CYS A 363 -20.58 21.07 32.69
C CYS A 363 -21.20 22.15 31.79
N GLY A 364 -20.36 23.04 31.26
CA GLY A 364 -20.78 24.14 30.40
C GLY A 364 -20.53 23.89 28.94
N ARG A 365 -20.03 22.69 28.59
CA ARG A 365 -19.76 22.27 27.22
C ARG A 365 -20.95 21.46 26.69
N ALA A 366 -20.97 21.14 25.39
CA ALA A 366 -22.04 20.38 24.75
C ALA A 366 -21.87 18.89 25.03
N PRO A 367 -22.94 18.07 25.10
CA PRO A 367 -22.73 16.61 25.26
C PRO A 367 -21.77 16.06 24.22
N GLN A 368 -20.98 15.07 24.62
CA GLN A 368 -19.98 14.39 23.77
C GLN A 368 -18.73 15.24 23.51
N ALA A 369 -18.56 16.39 24.21
CA ALA A 369 -17.36 17.21 24.11
C ALA A 369 -16.23 16.37 24.71
N CYS A 370 -15.01 16.47 24.15
CA CYS A 370 -13.84 15.68 24.58
C CYS A 370 -13.79 14.35 23.80
N LEU A 371 -14.96 13.93 23.26
CA LEU A 371 -15.09 12.66 22.55
C LEU A 371 -15.19 12.81 21.03
N SER A 372 -14.58 13.87 20.45
CA SER A 372 -14.54 14.03 18.99
C SER A 372 -13.23 13.40 18.48
N GLY A 373 -13.13 13.19 17.17
CA GLY A 373 -11.92 12.65 16.56
C GLY A 373 -11.62 11.20 16.90
N GLN A 374 -12.67 10.39 17.16
CA GLN A 374 -12.53 8.97 17.46
C GLN A 374 -12.46 8.22 16.15
N LEU A 375 -12.12 6.91 16.19
CA LEU A 375 -12.03 6.07 14.99
C LEU A 375 -13.28 6.19 14.11
N LYS A 376 -14.49 6.14 14.71
CA LYS A 376 -15.76 6.26 13.99
C LYS A 376 -15.88 7.60 13.26
N ASP A 377 -15.44 8.70 13.91
CA ASP A 377 -15.49 10.05 13.37
C ASP A 377 -14.59 10.21 12.15
N LEU A 378 -13.33 9.71 12.26
CA LEU A 378 -12.32 9.76 11.22
C LEU A 378 -12.74 8.95 10.01
N TRP A 379 -13.28 7.73 10.25
CA TRP A 379 -13.77 6.86 9.20
C TRP A 379 -14.86 7.59 8.40
N GLU A 380 -15.84 8.17 9.12
CA GLU A 380 -16.97 8.93 8.58
C GLU A 380 -16.54 10.20 7.85
N ALA A 381 -15.48 10.88 8.35
CA ALA A 381 -14.92 12.07 7.71
C ALA A 381 -14.27 11.70 6.39
N ASP A 382 -13.69 10.48 6.31
CA ASP A 382 -13.05 9.91 5.11
C ASP A 382 -14.09 9.48 4.09
N LEU A 383 -15.21 8.87 4.54
CA LEU A 383 -16.30 8.47 3.64
C LEU A 383 -16.84 9.73 2.96
N ALA A 384 -16.91 10.83 3.75
CA ALA A 384 -17.35 12.15 3.31
C ALA A 384 -16.40 12.67 2.25
N ARG A 385 -15.07 12.61 2.52
CA ARG A 385 -14.00 13.01 1.59
C ARG A 385 -14.10 12.31 0.24
N ILE A 386 -14.24 10.95 0.23
CA ILE A 386 -14.37 10.14 -1.01
C ILE A 386 -15.54 10.66 -1.86
N ALA A 387 -16.68 10.97 -1.21
CA ALA A 387 -17.89 11.48 -1.84
C ALA A 387 -17.70 12.86 -2.49
N ASP A 388 -16.74 13.64 -1.95
CA ASP A 388 -16.40 14.98 -2.41
C ASP A 388 -15.27 14.97 -3.45
N GLY A 389 -14.88 13.76 -3.89
CA GLY A 389 -13.82 13.57 -4.85
C GLY A 389 -12.42 13.71 -4.26
N ARG A 390 -12.34 13.68 -2.92
CA ARG A 390 -11.10 13.81 -2.17
C ARG A 390 -10.54 12.47 -1.70
N VAL A 391 -9.22 12.42 -1.47
CA VAL A 391 -8.53 11.21 -1.05
C VAL A 391 -8.60 11.06 0.48
N PRO A 392 -9.01 9.89 1.00
CA PRO A 392 -9.05 9.69 2.45
C PRO A 392 -7.69 9.92 3.13
N LEU A 393 -7.69 10.36 4.39
CA LEU A 393 -6.49 10.66 5.18
C LEU A 393 -6.12 9.53 6.13
N TYR A 394 -7.11 8.69 6.51
CA TYR A 394 -6.93 7.65 7.51
C TYR A 394 -7.10 6.21 6.98
N MET A 395 -8.08 5.97 6.08
CA MET A 395 -8.29 4.65 5.47
C MET A 395 -7.03 4.20 4.76
N ILE A 396 -6.75 2.88 4.80
CA ILE A 396 -5.56 2.32 4.14
C ILE A 396 -5.71 2.27 2.60
N THR A 397 -6.93 2.52 2.06
CA THR A 397 -7.15 2.54 0.61
C THR A 397 -6.63 3.84 -0.03
N ARG A 398 -6.18 4.79 0.79
CA ARG A 398 -5.67 6.07 0.33
C ARG A 398 -4.35 5.95 -0.46
N PHE A 399 -3.82 4.71 -0.59
CA PHE A 399 -2.58 4.41 -1.29
C PHE A 399 -2.82 3.69 -2.61
N THR A 400 -3.80 2.79 -2.61
CA THR A 400 -4.23 1.98 -3.76
C THR A 400 -4.91 2.83 -4.85
N GLY A 401 -5.76 3.77 -4.43
CA GLY A 401 -6.51 4.66 -5.33
C GLY A 401 -8.00 4.41 -5.32
N GLY A 402 -8.48 3.64 -4.33
CA GLY A 402 -9.90 3.31 -4.20
C GLY A 402 -10.21 1.88 -3.84
N SER A 403 -9.69 0.92 -4.63
CA SER A 403 -9.92 -0.52 -4.46
C SER A 403 -9.26 -1.15 -3.22
N ASP A 404 -10.01 -2.06 -2.55
CA ASP A 404 -9.54 -2.83 -1.40
C ASP A 404 -8.97 -4.15 -1.92
N THR A 405 -9.43 -4.56 -3.14
CA THR A 405 -9.08 -5.78 -3.87
C THR A 405 -7.61 -5.91 -4.28
N THR A 406 -6.89 -4.77 -4.47
CA THR A 406 -5.48 -4.80 -4.88
C THR A 406 -4.55 -5.36 -3.79
N LEU A 407 -4.78 -5.00 -2.51
CA LEU A 407 -3.99 -5.48 -1.36
C LEU A 407 -4.26 -6.96 -1.05
N GLN A 408 -5.42 -7.49 -1.46
CA GLN A 408 -5.87 -8.86 -1.23
C GLN A 408 -4.98 -9.94 -1.86
N SER A 409 -4.33 -9.63 -3.01
CA SER A 409 -3.45 -10.55 -3.74
C SER A 409 -2.09 -10.79 -3.05
N PHE A 410 -1.85 -10.15 -1.88
CA PHE A 410 -0.65 -10.25 -1.07
C PHE A 410 -0.67 -11.53 -0.22
N SER A 411 0.43 -12.29 -0.26
CA SER A 411 0.62 -13.59 0.39
C SER A 411 0.73 -13.60 1.94
N GLY A 412 1.06 -12.47 2.55
CA GLY A 412 1.20 -12.37 4.00
C GLY A 412 0.05 -12.84 4.87
N GLY A 413 0.38 -13.10 6.13
CA GLY A 413 -0.56 -13.58 7.14
C GLY A 413 -1.67 -12.64 7.55
N PRO A 414 -2.57 -13.07 8.48
CA PRO A 414 -3.71 -12.22 8.87
C PRO A 414 -3.34 -10.85 9.43
N LEU A 415 -2.12 -10.76 9.99
CA LEU A 415 -1.59 -9.55 10.58
C LEU A 415 -0.30 -9.16 9.89
N SER A 416 -0.51 -8.66 8.68
CA SER A 416 0.53 -8.18 7.78
C SER A 416 -0.05 -7.02 7.01
N PHE A 417 0.82 -6.08 6.67
CA PHE A 417 0.43 -4.94 5.89
C PHE A 417 1.48 -4.72 4.83
N ALA A 418 1.05 -4.55 3.57
CA ALA A 418 1.94 -4.29 2.44
C ALA A 418 1.30 -3.43 1.40
N LEU A 419 2.09 -2.81 0.54
CA LEU A 419 1.55 -1.95 -0.51
C LEU A 419 2.12 -2.31 -1.88
N PRO A 420 1.32 -2.22 -2.98
CA PRO A 420 1.88 -2.51 -4.32
C PRO A 420 2.83 -1.40 -4.76
N VAL A 421 4.03 -1.74 -5.23
CA VAL A 421 5.01 -0.76 -5.69
C VAL A 421 4.78 -0.51 -7.19
N THR A 422 4.62 0.77 -7.56
CA THR A 422 4.35 1.18 -8.93
C THR A 422 5.53 1.87 -9.56
N SER A 423 6.44 2.39 -8.72
CA SER A 423 7.67 3.01 -9.20
C SER A 423 8.55 1.87 -9.68
N HIS A 424 9.34 2.10 -10.72
CA HIS A 424 10.24 1.07 -11.23
C HIS A 424 11.24 0.74 -10.14
N SER A 425 11.56 -0.54 -9.98
CA SER A 425 12.61 -1.03 -9.09
C SER A 425 13.30 -2.13 -9.88
N GLN A 426 14.39 -1.76 -10.56
CA GLN A 426 15.15 -2.61 -11.46
C GLN A 426 16.12 -3.52 -10.72
N SER A 427 15.94 -4.84 -10.87
CA SER A 427 16.79 -5.82 -10.21
C SER A 427 17.98 -6.19 -11.06
N LEU A 428 19.21 -6.00 -10.56
CA LEU A 428 20.40 -6.42 -11.31
C LEU A 428 20.65 -7.89 -11.01
N VAL A 429 20.64 -8.74 -12.05
CA VAL A 429 20.89 -10.19 -11.96
C VAL A 429 22.14 -10.52 -12.77
N THR A 430 23.04 -11.33 -12.21
CA THR A 430 24.24 -11.74 -12.94
C THR A 430 24.24 -13.23 -13.18
N LEU A 431 24.23 -13.63 -14.47
CA LEU A 431 24.26 -15.00 -14.93
C LEU A 431 25.67 -15.37 -15.38
N SER A 432 26.20 -16.45 -14.83
CA SER A 432 27.54 -16.97 -15.11
C SER A 432 27.37 -18.38 -15.71
N VAL A 433 27.53 -18.50 -17.05
CA VAL A 433 27.28 -19.75 -17.80
C VAL A 433 28.52 -20.35 -18.51
N ALA A 434 28.65 -21.69 -18.47
CA ALA A 434 29.71 -22.43 -19.18
C ALA A 434 29.20 -22.67 -20.63
N ALA A 435 29.48 -21.69 -21.50
CA ALA A 435 29.06 -21.63 -22.92
C ALA A 435 30.09 -20.90 -23.76
N ASP A 436 29.97 -21.00 -25.11
CA ASP A 436 30.87 -20.35 -26.06
C ASP A 436 30.52 -18.88 -26.22
N GLY A 437 29.23 -18.59 -26.25
CA GLY A 437 28.73 -17.23 -26.42
C GLY A 437 27.28 -17.10 -26.05
N VAL A 438 26.70 -15.94 -26.34
CA VAL A 438 25.31 -15.63 -26.02
C VAL A 438 24.74 -14.66 -27.05
N ARG A 439 23.40 -14.66 -27.16
CA ARG A 439 22.62 -13.77 -27.98
C ARG A 439 21.31 -13.51 -27.27
N LEU A 440 20.67 -12.38 -27.59
CA LEU A 440 19.42 -11.97 -26.98
C LEU A 440 18.33 -12.04 -28.02
N VAL A 441 17.21 -12.72 -27.71
CA VAL A 441 16.07 -12.88 -28.62
C VAL A 441 14.81 -12.28 -27.95
N THR A 442 14.44 -11.05 -28.36
CA THR A 442 13.30 -10.30 -27.82
C THR A 442 12.10 -10.34 -28.74
N ASN A 443 10.90 -10.57 -28.16
CA ASN A 443 9.65 -10.56 -28.93
C ASN A 443 9.19 -9.13 -29.09
N ARG A 444 8.79 -8.72 -30.31
CA ARG A 444 8.28 -7.37 -30.49
C ARG A 444 6.91 -7.37 -31.14
N SER A 445 5.85 -7.38 -30.31
CA SER A 445 4.49 -7.31 -30.79
C SER A 445 4.01 -5.86 -30.72
N PRO A 446 3.27 -5.36 -31.76
CA PRO A 446 2.78 -3.98 -31.71
C PRO A 446 1.60 -3.82 -30.76
N GLY A 447 1.28 -2.59 -30.41
CA GLY A 447 0.20 -2.31 -29.49
C GLY A 447 -0.69 -1.14 -29.86
N LYS A 448 -1.80 -1.01 -29.13
CA LYS A 448 -2.79 0.05 -29.30
C LYS A 448 -3.46 0.43 -27.97
N ILE A 449 -3.61 1.74 -27.71
CA ILE A 449 -4.29 2.26 -26.51
C ILE A 449 -5.80 2.25 -26.88
N THR A 450 -6.58 1.43 -26.17
CA THR A 450 -8.00 1.22 -26.40
C THR A 450 -8.87 2.07 -25.49
N GLY A 451 -8.24 2.75 -24.55
CA GLY A 451 -8.90 3.64 -23.60
C GLY A 451 -7.93 4.31 -22.67
N ALA A 452 -8.29 5.52 -22.20
CA ALA A 452 -7.53 6.33 -21.26
C ALA A 452 -8.46 7.36 -20.64
N ALA A 453 -8.53 7.39 -19.31
CA ALA A 453 -9.37 8.32 -18.58
C ALA A 453 -8.74 8.80 -17.29
N VAL A 454 -9.12 10.00 -16.84
CA VAL A 454 -8.68 10.58 -15.57
C VAL A 454 -9.89 10.50 -14.64
N CYS A 455 -9.83 9.63 -13.62
CA CYS A 455 -10.94 9.45 -12.68
C CYS A 455 -10.56 9.86 -11.27
N ARG A 456 -11.58 10.11 -10.46
CA ARG A 456 -11.42 10.48 -9.08
C ARG A 456 -11.14 9.25 -8.24
N PHE A 457 -10.93 9.45 -6.93
CA PHE A 457 -10.70 8.38 -5.99
C PHE A 457 -11.90 7.44 -5.99
N ALA A 458 -11.64 6.12 -5.97
CA ALA A 458 -12.65 5.06 -5.94
C ALA A 458 -13.69 5.15 -7.09
N GLY A 459 -13.27 5.74 -8.21
CA GLY A 459 -14.08 5.93 -9.41
C GLY A 459 -15.37 6.68 -9.23
N THR A 460 -15.39 7.71 -8.34
CA THR A 460 -16.55 8.59 -8.06
C THR A 460 -17.12 9.11 -9.37
N SER A 461 -16.24 9.70 -10.22
CA SER A 461 -16.57 10.26 -11.52
C SER A 461 -15.29 10.41 -12.36
N CYS A 462 -15.40 10.20 -13.68
CA CYS A 462 -14.30 10.33 -14.63
C CYS A 462 -14.43 11.59 -15.43
N GLY A 463 -13.29 12.15 -15.81
CA GLY A 463 -13.22 13.35 -16.62
C GLY A 463 -12.31 14.42 -16.05
N GLY A 464 -12.01 14.30 -14.75
CA GLY A 464 -11.17 15.23 -14.01
C GLY A 464 -11.37 15.16 -12.51
N PHE A 465 -10.64 16.02 -11.78
CA PHE A 465 -10.59 16.06 -10.31
C PHE A 465 -10.46 17.50 -9.78
N GLU A 466 -10.48 17.69 -8.43
CA GLU A 466 -10.32 18.99 -7.79
C GLU A 466 -8.83 19.32 -7.66
N ALA A 467 -8.42 20.48 -8.20
CA ALA A 467 -7.02 20.94 -8.16
C ALA A 467 -6.45 21.09 -6.75
N VAL A 468 -5.23 20.55 -6.52
CA VAL A 468 -4.38 20.63 -5.31
C VAL A 468 -5.02 19.97 -4.04
N ALA A 469 -6.34 20.13 -3.81
CA ALA A 469 -7.06 19.52 -2.69
C ALA A 469 -7.37 18.03 -2.98
N ALA A 470 -7.20 17.60 -4.24
CA ALA A 470 -7.40 16.23 -4.69
C ALA A 470 -6.39 15.87 -5.78
N ARG A 471 -6.46 14.63 -6.26
CA ARG A 471 -5.62 14.10 -7.32
C ARG A 471 -6.51 13.27 -8.24
N GLY A 472 -6.02 13.05 -9.45
CA GLY A 472 -6.70 12.25 -10.44
C GLY A 472 -5.98 10.94 -10.61
N TYR A 473 -6.63 9.98 -11.27
CA TYR A 473 -6.08 8.66 -11.49
C TYR A 473 -6.18 8.30 -12.97
N ILE A 474 -5.02 8.18 -13.63
CA ILE A 474 -4.94 7.83 -15.03
C ILE A 474 -5.11 6.33 -15.20
N TYR A 475 -6.28 5.92 -15.72
CA TYR A 475 -6.59 4.53 -16.04
C TYR A 475 -6.31 4.39 -17.53
N VAL A 476 -5.51 3.38 -17.94
CA VAL A 476 -5.14 3.16 -19.35
C VAL A 476 -5.38 1.68 -19.72
N ASN A 477 -6.09 1.43 -20.85
CA ASN A 477 -6.37 0.10 -21.38
C ASN A 477 -5.57 -0.05 -22.67
N ILE A 478 -4.69 -1.08 -22.74
CA ILE A 478 -3.87 -1.34 -23.92
C ILE A 478 -4.12 -2.76 -24.45
N THR A 479 -3.76 -3.01 -25.72
CA THR A 479 -3.92 -4.31 -26.36
C THR A 479 -2.65 -4.69 -27.11
N ASN A 480 -2.27 -5.96 -27.00
CA ASN A 480 -1.17 -6.55 -27.74
C ASN A 480 -1.80 -6.95 -29.07
N THR A 481 -1.40 -6.31 -30.18
CA THR A 481 -1.98 -6.58 -31.50
C THR A 481 -1.11 -7.53 -32.34
N GLY A 482 -0.24 -8.27 -31.66
CA GLY A 482 0.64 -9.25 -32.29
C GLY A 482 0.29 -10.67 -31.89
N ARG A 483 1.07 -11.62 -32.38
CA ARG A 483 0.90 -13.05 -32.13
C ARG A 483 1.84 -13.55 -31.02
N LEU A 484 2.66 -12.65 -30.44
CA LEU A 484 3.65 -12.99 -29.41
C LEU A 484 3.49 -12.18 -28.14
N ASP A 485 3.76 -12.81 -26.97
CA ASP A 485 3.72 -12.11 -25.69
C ASP A 485 4.83 -11.06 -25.76
N SER A 486 4.57 -9.82 -25.31
CA SER A 486 5.58 -8.76 -25.40
C SER A 486 5.52 -7.77 -24.26
N ASP A 487 6.60 -7.01 -24.09
CA ASP A 487 6.72 -5.95 -23.09
C ASP A 487 6.44 -4.62 -23.77
N TYR A 488 5.89 -3.67 -23.02
CA TYR A 488 5.54 -2.32 -23.46
C TYR A 488 5.85 -1.29 -22.35
N THR A 489 5.93 0.00 -22.73
CA THR A 489 6.11 1.11 -21.80
C THR A 489 5.04 2.17 -22.07
N LEU A 490 4.29 2.54 -21.02
CA LEU A 490 3.28 3.59 -21.09
C LEU A 490 3.88 4.84 -20.47
N THR A 491 3.92 5.94 -21.24
CA THR A 491 4.48 7.19 -20.74
C THR A 491 3.46 8.32 -20.84
N VAL A 492 3.46 9.22 -19.84
CA VAL A 492 2.59 10.39 -19.85
C VAL A 492 3.51 11.62 -19.87
N SER A 493 3.51 12.36 -20.99
CA SER A 493 4.38 13.53 -21.18
C SER A 493 3.75 14.61 -22.08
N ASN A 494 4.51 15.69 -22.38
CA ASN A 494 4.09 16.86 -23.18
C ASN A 494 2.77 17.42 -22.66
N CYS A 495 2.72 17.59 -21.34
CA CYS A 495 1.54 18.04 -20.63
C CYS A 495 1.39 19.55 -20.66
N SER A 496 0.16 20.03 -20.44
CA SER A 496 -0.15 21.44 -20.37
C SER A 496 0.46 22.01 -19.08
N SER A 497 0.54 23.35 -18.96
CA SER A 497 1.13 24.04 -17.81
C SER A 497 0.72 23.47 -16.46
N ASN A 498 1.68 23.43 -15.52
CA ASN A 498 1.52 23.03 -14.12
C ASN A 498 0.90 21.64 -13.92
N VAL A 499 1.39 20.64 -14.65
CA VAL A 499 0.96 19.25 -14.49
C VAL A 499 2.21 18.52 -13.99
N ARG A 500 2.14 17.98 -12.77
CA ARG A 500 3.27 17.26 -12.15
C ARG A 500 3.75 16.10 -13.04
N PRO A 501 5.07 15.97 -13.28
CA PRO A 501 5.56 14.83 -14.09
C PRO A 501 5.13 13.46 -13.55
N ILE A 502 4.65 12.56 -14.45
CA ILE A 502 4.27 11.19 -14.09
C ILE A 502 5.37 10.26 -14.57
N GLU A 503 5.82 9.34 -13.69
CA GLU A 503 6.86 8.33 -14.01
C GLU A 503 6.24 7.28 -14.96
N ALA A 504 7.05 6.69 -15.85
CA ALA A 504 6.62 5.67 -16.82
C ALA A 504 6.17 4.36 -16.16
N ARG A 505 5.46 3.52 -16.94
CA ARG A 505 4.97 2.22 -16.47
C ARG A 505 5.20 1.08 -17.45
N THR A 506 5.76 -0.01 -16.94
CA THR A 506 6.10 -1.22 -17.66
C THR A 506 4.91 -2.17 -17.65
N LEU A 507 4.60 -2.78 -18.82
CA LEU A 507 3.48 -3.71 -18.96
C LEU A 507 3.85 -4.88 -19.84
N ALA A 508 3.72 -6.12 -19.31
CA ALA A 508 3.94 -7.36 -20.05
C ALA A 508 2.54 -7.87 -20.37
N VAL A 509 2.19 -7.86 -21.67
CA VAL A 509 0.87 -8.23 -22.17
C VAL A 509 0.94 -9.45 -23.06
N ARG A 510 0.09 -10.45 -22.79
CA ARG A 510 0.02 -11.69 -23.57
C ARG A 510 -0.45 -11.41 -25.01
N ALA A 511 -0.08 -12.30 -25.95
CA ALA A 511 -0.44 -12.22 -27.36
C ALA A 511 -1.96 -12.08 -27.56
N GLY A 512 -2.35 -11.08 -28.34
CA GLY A 512 -3.74 -10.77 -28.64
C GLY A 512 -4.62 -10.32 -27.49
N SER A 513 -4.06 -10.28 -26.26
CA SER A 513 -4.77 -9.95 -25.02
C SER A 513 -4.83 -8.46 -24.69
N ALA A 514 -5.77 -8.10 -23.80
CA ALA A 514 -5.96 -6.74 -23.32
C ALA A 514 -5.43 -6.64 -21.90
N ALA A 515 -4.86 -5.48 -21.56
CA ALA A 515 -4.33 -5.21 -20.24
C ALA A 515 -4.67 -3.78 -19.84
N SER A 516 -4.52 -3.48 -18.54
CA SER A 516 -4.78 -2.15 -17.99
C SER A 516 -3.78 -1.87 -16.90
N LEU A 517 -3.59 -0.59 -16.54
CA LEU A 517 -2.69 -0.23 -15.43
C LEU A 517 -3.40 -0.45 -14.09
N ASP A 518 -2.85 -1.35 -13.26
CA ASP A 518 -3.39 -1.58 -11.93
C ASP A 518 -2.27 -1.66 -10.89
N PRO A 519 -2.21 -0.72 -9.92
CA PRO A 519 -3.13 0.42 -9.73
C PRO A 519 -2.98 1.50 -10.80
N PRO A 520 -3.88 2.52 -10.89
CA PRO A 520 -3.72 3.53 -11.94
C PRO A 520 -2.59 4.53 -11.62
N MET A 521 -2.30 5.44 -12.57
CA MET A 521 -1.26 6.47 -12.40
C MET A 521 -1.81 7.66 -11.62
N GLU A 522 -1.05 8.17 -10.62
CA GLU A 522 -1.51 9.34 -9.87
C GLU A 522 -1.20 10.62 -10.65
N LEU A 523 -2.16 11.55 -10.69
CA LEU A 523 -2.07 12.80 -11.44
C LEU A 523 -2.36 14.02 -10.57
N TYR A 524 -1.38 14.90 -10.41
CA TYR A 524 -1.50 16.12 -9.62
C TYR A 524 -1.25 17.34 -10.48
N VAL A 525 -1.92 18.46 -10.15
CA VAL A 525 -1.69 19.73 -10.80
C VAL A 525 -0.97 20.65 -9.83
N GLU A 526 -0.23 21.61 -10.35
CA GLU A 526 0.57 22.52 -9.54
C GLU A 526 0.00 23.95 -9.51
N ASP A 527 -1.30 24.12 -9.77
CA ASP A 527 -2.01 25.39 -9.70
C ASP A 527 -3.43 25.14 -9.18
N GLN A 528 -4.06 26.13 -8.54
CA GLN A 528 -5.37 25.97 -7.92
C GLN A 528 -6.57 26.42 -8.76
N ALA A 529 -6.34 26.69 -10.05
CA ALA A 529 -7.35 27.18 -10.96
C ALA A 529 -8.20 26.09 -11.57
N ALA A 530 -9.42 26.48 -11.99
CA ALA A 530 -10.39 25.62 -12.67
C ALA A 530 -10.05 25.66 -14.14
N ALA A 531 -9.85 24.48 -14.77
CA ALA A 531 -9.50 24.38 -16.18
C ALA A 531 -10.37 23.36 -16.90
N ALA A 532 -10.84 23.70 -18.11
CA ALA A 532 -11.75 22.87 -18.90
C ALA A 532 -11.09 21.69 -19.58
N ALA A 533 -9.89 21.89 -20.14
CA ALA A 533 -9.19 20.84 -20.87
C ALA A 533 -7.66 20.88 -20.76
N ARG A 534 -7.14 20.36 -19.64
CA ARG A 534 -5.71 20.21 -19.43
C ARG A 534 -5.32 18.97 -20.22
N THR A 535 -4.20 19.02 -20.93
CA THR A 535 -3.81 17.91 -21.81
C THR A 535 -2.51 17.23 -21.41
N CYS A 536 -2.34 15.97 -21.88
CA CYS A 536 -1.18 15.09 -21.72
C CYS A 536 -1.14 14.11 -22.89
N THR A 537 0.06 13.75 -23.33
CA THR A 537 0.22 12.74 -24.36
C THR A 537 0.47 11.43 -23.64
N VAL A 538 -0.34 10.40 -23.96
CA VAL A 538 -0.18 9.04 -23.43
C VAL A 538 0.47 8.27 -24.58
N SER A 539 1.72 7.81 -24.37
CA SER A 539 2.47 7.08 -25.38
C SER A 539 2.67 5.63 -25.00
N LEU A 540 2.53 4.74 -25.99
CA LEU A 540 2.70 3.31 -25.84
C LEU A 540 3.89 2.89 -26.68
N TYR A 541 4.98 2.53 -26.00
CA TYR A 541 6.23 2.10 -26.62
C TYR A 541 6.28 0.58 -26.69
N ASP A 542 6.81 0.03 -27.79
CA ASP A 542 6.97 -1.41 -27.91
C ASP A 542 8.26 -1.85 -27.17
N SER A 543 8.61 -3.14 -27.23
CA SER A 543 9.77 -3.72 -26.55
C SER A 543 11.13 -3.22 -27.07
N VAL A 544 11.12 -2.56 -28.23
CA VAL A 544 12.32 -2.07 -28.93
C VAL A 544 12.52 -0.54 -28.72
N GLY A 545 11.53 0.15 -28.16
CA GLY A 545 11.63 1.58 -27.87
C GLY A 545 11.02 2.49 -28.91
N ALA A 546 10.12 1.93 -29.75
CA ALA A 546 9.41 2.61 -30.82
C ALA A 546 7.97 2.80 -30.40
N VAL A 547 7.37 3.96 -30.70
CA VAL A 547 5.98 4.22 -30.31
C VAL A 547 5.05 3.43 -31.25
N THR A 548 4.18 2.54 -30.70
CA THR A 548 3.21 1.83 -31.55
C THR A 548 1.89 2.57 -31.55
N ASP A 549 1.56 3.24 -30.45
CA ASP A 549 0.37 4.06 -30.32
C ASP A 549 0.61 5.27 -29.41
N SER A 550 -0.07 6.37 -29.72
CA SER A 550 -0.04 7.66 -29.06
C SER A 550 -1.50 8.12 -29.01
N LEU A 551 -1.83 8.96 -28.02
CA LEU A 551 -3.19 9.44 -27.76
C LEU A 551 -3.10 10.67 -26.85
N THR A 552 -4.01 11.65 -27.03
CA THR A 552 -4.04 12.84 -26.17
C THR A 552 -5.15 12.69 -25.15
N LEU A 553 -4.76 12.71 -23.86
CA LEU A 553 -5.64 12.59 -22.70
C LEU A 553 -6.01 13.98 -22.20
N SER A 554 -7.31 14.26 -22.12
CA SER A 554 -7.85 15.54 -21.69
C SER A 554 -8.59 15.38 -20.37
N PHE A 555 -8.37 16.34 -19.46
CA PHE A 555 -9.01 16.34 -18.15
C PHE A 555 -9.28 17.76 -17.63
N TYR A 556 -10.34 17.90 -16.83
CA TYR A 556 -10.70 19.18 -16.23
C TYR A 556 -10.23 19.22 -14.77
N THR A 557 -10.11 20.42 -14.22
CA THR A 557 -9.85 20.59 -12.80
C THR A 557 -10.87 21.57 -12.29
N ASN A 558 -11.37 21.31 -11.07
CA ASN A 558 -12.30 22.17 -10.35
C ASN A 558 -11.39 22.97 -9.44
N ALA A 559 -11.68 24.26 -9.24
CA ALA A 559 -10.86 25.15 -8.41
C ALA A 559 -10.75 24.60 -7.00
N THR A 560 -9.59 24.80 -6.34
CA THR A 560 -9.38 24.34 -4.95
C THR A 560 -10.43 25.00 -4.05
N GLN A 561 -11.21 24.18 -3.31
CA GLN A 561 -12.23 24.69 -2.39
C GLN A 561 -11.55 24.83 -1.06
N LEU A 562 -11.06 26.04 -0.78
CA LEU A 562 -10.35 26.35 0.45
C LEU A 562 -11.31 26.42 1.62
N VAL A 563 -10.79 26.12 2.84
CA VAL A 563 -11.54 26.20 4.10
C VAL A 563 -12.00 27.65 4.23
N VAL A 564 -13.32 27.84 4.35
CA VAL A 564 -13.93 29.17 4.39
C VAL A 564 -13.65 29.86 5.74
N LYS A 565 -13.08 31.08 5.65
CA LYS A 565 -12.68 31.91 6.79
C LYS A 565 -13.88 32.37 7.58
N PRO A 566 -13.80 32.43 8.93
CA PRO A 566 -14.94 32.94 9.70
C PRO A 566 -15.05 34.46 9.54
N SER A 567 -16.29 34.98 9.51
CA SER A 567 -16.57 36.40 9.38
C SER A 567 -17.29 36.90 10.63
N GLY A 568 -16.99 38.11 11.06
CA GLY A 568 -17.65 38.68 12.24
C GLY A 568 -16.71 39.00 13.37
N GLY A 569 -17.15 38.69 14.59
CA GLY A 569 -16.41 38.96 15.82
C GLY A 569 -16.27 40.44 16.11
N TYR A 570 -15.31 40.81 16.98
CA TYR A 570 -15.11 42.22 17.30
C TYR A 570 -14.45 42.95 16.12
N ASN A 571 -14.97 44.15 15.79
CA ASN A 571 -14.48 45.01 14.70
C ASN A 571 -14.14 46.40 15.25
C1 NAG B . -11.10 -0.52 -19.81
C2 NAG B . -11.97 0.73 -19.64
C3 NAG B . -13.12 0.39 -18.69
C4 NAG B . -13.91 -0.82 -19.19
C5 NAG B . -12.98 -2.01 -19.43
C6 NAG B . -13.68 -3.15 -20.15
C7 NAG B . -10.76 2.87 -19.85
C8 NAG B . -9.96 3.91 -19.13
N2 NAG B . -11.18 1.83 -19.12
O3 NAG B . -13.98 1.52 -18.57
O4 NAG B . -14.89 -1.15 -18.20
O5 NAG B . -11.89 -1.61 -20.28
O6 NAG B . -12.83 -4.29 -20.29
O7 NAG B . -11.03 2.99 -21.05
C1 NAG B . -16.25 -1.29 -18.61
C2 NAG B . -16.98 -2.14 -17.56
C3 NAG B . -18.44 -2.31 -17.98
C4 NAG B . -19.11 -0.95 -18.22
C5 NAG B . -18.26 -0.08 -19.16
C6 NAG B . -18.76 1.35 -19.26
C7 NAG B . -15.49 -3.75 -16.41
C8 NAG B . -14.92 -5.14 -16.44
N2 NAG B . -16.34 -3.44 -17.41
O3 NAG B . -19.14 -3.01 -16.97
O4 NAG B . -20.40 -1.15 -18.79
O5 NAG B . -16.90 -0.02 -18.70
O6 NAG B . -18.53 2.09 -18.05
O7 NAG B . -15.22 -2.95 -15.52
C1 NAG C . -15.79 20.19 -12.25
C2 NAG C . -17.25 20.01 -11.84
C3 NAG C . -18.05 19.35 -12.97
C4 NAG C . -17.85 20.09 -14.29
C5 NAG C . -16.36 20.22 -14.58
C6 NAG C . -16.06 20.98 -15.86
C7 NAG C . -17.92 19.66 -9.48
C8 NAG C . -18.15 18.62 -8.42
N2 NAG C . -17.35 19.22 -10.62
O3 NAG C . -19.44 19.34 -12.64
O4 NAG C . -18.50 19.37 -15.34
O5 NAG C . -15.71 20.89 -13.49
O6 NAG C . -15.40 22.23 -15.66
O7 NAG C . -18.24 20.83 -9.33
C1 NAG C . -19.50 20.03 -16.09
C2 NAG C . -19.58 19.38 -17.47
C3 NAG C . -20.67 20.09 -18.29
C4 NAG C . -22.01 20.11 -17.53
C5 NAG C . -21.82 20.67 -16.12
C6 NAG C . -23.05 20.61 -15.25
C7 NAG C . -17.46 18.43 -18.33
C8 NAG C . -16.17 18.74 -19.03
N2 NAG C . -18.30 19.47 -18.16
O3 NAG C . -20.82 19.43 -19.54
O4 NAG C . -22.93 20.98 -18.22
O5 NAG C . -20.77 19.96 -15.45
O6 NAG C . -23.25 19.31 -14.68
O7 NAG C . -17.72 17.29 -17.95
C1 MAN C . -23.95 20.46 -19.09
C2 MAN C . -25.25 21.26 -18.88
C3 MAN C . -26.48 20.35 -18.95
C4 MAN C . -26.34 19.32 -20.06
C5 MAN C . -25.10 18.43 -19.85
C6 MAN C . -24.34 18.14 -21.13
O2 MAN C . -25.32 22.30 -19.85
O3 MAN C . -27.67 21.12 -19.13
O4 MAN C . -27.50 18.51 -20.12
O5 MAN C . -24.18 19.04 -18.92
O6 MAN C . -23.15 17.41 -20.88
C1 FUC C . -16.17 23.37 -15.93
C2 FUC C . -15.23 24.54 -16.27
C3 FUC C . -15.87 25.47 -17.28
C4 FUC C . -17.38 25.63 -17.05
C5 FUC C . -18.08 24.26 -17.14
C6 FUC C . -19.22 24.05 -16.16
O2 FUC C . -13.99 24.08 -16.78
O3 FUC C . -15.21 26.73 -17.23
O4 FUC C . -17.66 26.30 -15.82
O5 FUC C . -17.13 23.18 -16.97
C1 NAG D . -15.25 -6.99 5.59
C2 NAG D . -16.33 -7.84 4.93
C3 NAG D . -17.57 -6.97 4.71
C4 NAG D . -18.07 -6.41 6.04
C5 NAG D . -16.95 -5.64 6.76
C6 NAG D . -17.29 -5.30 8.19
C7 NAG D . -15.45 -7.87 2.58
C8 NAG D . -14.89 -8.78 1.51
N2 NAG D . -15.92 -8.50 3.69
O3 NAG D . -18.60 -7.72 4.07
O4 NAG D . -19.18 -5.55 5.83
O5 NAG D . -15.75 -6.44 6.81
O6 NAG D . -18.51 -4.57 8.33
O7 NAG D . -15.46 -6.65 2.44
C1 NAG E . 3.72 17.72 -27.55
C2 NAG E . 4.05 16.46 -28.36
C3 NAG E . 2.95 16.35 -29.40
C4 NAG E . 1.56 16.31 -28.75
C5 NAG E . 1.34 17.47 -27.76
C6 NAG E . 0.11 17.30 -26.91
C7 NAG E . 6.51 16.11 -28.53
C8 NAG E . 7.74 16.39 -29.34
N2 NAG E . 5.36 16.62 -29.01
O3 NAG E . 3.14 15.16 -30.16
O4 NAG E . 0.57 16.39 -29.78
O5 NAG E . 2.47 17.57 -26.86
O6 NAG E . 0.00 18.29 -25.91
O7 NAG E . 6.56 15.45 -27.50
C1 GOL F . 6.67 -0.74 -13.22
O1 GOL F . 7.01 0.46 -13.90
C2 GOL F . 5.18 -0.86 -13.01
O2 GOL F . 4.54 -1.07 -14.27
C3 GOL F . 4.82 -1.96 -12.06
O3 GOL F . 3.42 -2.26 -12.17
#